data_2GV4
#
_entry.id   2GV4
#
_entity_poly.entity_id   1
_entity_poly.type   'polyribonucleotide'
_entity_poly.pdbx_seq_one_letter_code
;GGACCUCUCGAAAGAGUGGUCC
;
_entity_poly.pdbx_strand_id   A
#
loop_
_chem_comp.id
_chem_comp.type
_chem_comp.name
_chem_comp.formula
A RNA linking ADENOSINE-5'-MONOPHOSPHATE 'C10 H14 N5 O7 P'
C RNA linking CYTIDINE-5'-MONOPHOSPHATE 'C9 H14 N3 O8 P'
G RNA linking GUANOSINE-5'-MONOPHOSPHATE 'C10 H14 N5 O8 P'
U RNA linking URIDINE-5'-MONOPHOSPHATE 'C9 H13 N2 O9 P'
#